data_2NOS
#
_entry.id   2NOS
#
_cell.length_a   63.000
_cell.length_b   73.800
_cell.length_c   92.800
_cell.angle_alpha   90.00
_cell.angle_beta   90.00
_cell.angle_gamma   90.00
#
_symmetry.space_group_name_H-M   'P 21 21 21'
#
loop_
_entity.id
_entity.type
_entity.pdbx_description
1 polymer 'INDUCIBLE NITRIC OXIDE SYNTHASE'
2 non-polymer 'PROTOPORPHYRIN IX CONTAINING FE'
3 non-polymer IMIDAZOLE
4 non-polymer AMINOGUANIDINE
5 water water
#
_entity_poly.entity_id   1
_entity_poly.type   'polypeptide(L)'
_entity_poly.pdbx_seq_one_letter_code
;NPKSLTRGPRDKPTPLEELLPHAIEFINQYYGSFKEAKIEEHLARLEAVTKEIETTGTYQLTLDELIFATKMAWRNAPRC
IGRIQWSNLQVFDARNCSTAQEMFQHICRHILYATNNGNIRSAITVFPQRSDGKHDFRLWNSQLIRYAGYQMPDGTIRGD
AATLEFTQLCIDLGWKPRYGRFDVLPLVLQADGQDPEVFEIPPDLVLEVTMEHPKYEWFQELGLKWYALPAVANMLLEVG
GLEFPACPFNGWYMGTEIGVRDFCDTQRYNILEEVGRRMGLETHTLASLWKDRAVTEINVAVLHSFQKQNVTIMDHHTAS
ESFMKHMQNEYRARGGCPADWIWLVPPVSGSITPVFHQEMLNYVLSPFYYYQIEPWKTHIWQNEHHHH
;
_entity_poly.pdbx_strand_id   A
#
# COMPACT_ATOMS: atom_id res chain seq x y z
N ASN A 1 -18.62 18.08 -9.56
CA ASN A 1 -17.83 18.10 -8.33
C ASN A 1 -17.03 16.83 -7.99
N PRO A 2 -17.19 15.73 -8.76
CA PRO A 2 -16.40 14.54 -8.40
C PRO A 2 -14.90 14.82 -8.54
N LYS A 3 -14.14 14.51 -7.50
CA LYS A 3 -12.70 14.75 -7.54
C LYS A 3 -11.90 13.57 -8.09
N SER A 4 -10.71 13.87 -8.61
CA SER A 4 -9.83 12.83 -9.14
C SER A 4 -9.30 11.98 -7.99
N LEU A 5 -9.31 10.67 -8.18
CA LEU A 5 -8.82 9.73 -7.18
C LEU A 5 -7.33 9.48 -7.36
N THR A 6 -6.74 10.19 -8.33
CA THR A 6 -5.32 10.07 -8.66
C THR A 6 -4.55 11.32 -8.30
N ARG A 7 -3.35 11.12 -7.76
CA ARG A 7 -2.46 12.22 -7.38
C ARG A 7 -1.15 11.96 -8.11
N GLY A 8 -0.88 12.76 -9.14
CA GLY A 8 0.31 12.61 -9.94
C GLY A 8 1.60 13.18 -9.41
N PRO A 9 2.67 13.16 -10.23
CA PRO A 9 4.02 13.65 -9.95
C PRO A 9 4.13 15.17 -9.89
N ARG A 10 5.26 15.63 -9.36
CA ARG A 10 5.58 17.05 -9.24
C ARG A 10 7.03 17.20 -9.64
N ASP A 11 7.44 18.43 -9.98
CA ASP A 11 8.83 18.69 -10.34
C ASP A 11 9.40 19.84 -9.52
N LYS A 12 8.63 20.29 -8.53
CA LYS A 12 9.04 21.37 -7.63
C LYS A 12 8.25 21.26 -6.33
N PRO A 13 8.85 21.70 -5.20
CA PRO A 13 8.17 21.63 -3.91
C PRO A 13 6.84 22.34 -3.96
N THR A 14 5.91 21.90 -3.12
CA THR A 14 4.60 22.52 -3.05
C THR A 14 4.81 23.95 -2.54
N PRO A 15 4.24 24.94 -3.24
CA PRO A 15 4.38 26.33 -2.83
C PRO A 15 3.77 26.58 -1.46
N LEU A 16 4.40 27.46 -0.69
CA LEU A 16 3.97 27.79 0.67
C LEU A 16 2.52 28.24 0.78
N GLU A 17 2.06 29.12 -0.11
CA GLU A 17 0.69 29.60 -0.06
C GLU A 17 -0.33 28.49 -0.32
N GLU A 18 0.17 27.34 -0.77
CA GLU A 18 -0.68 26.19 -1.05
C GLU A 18 -0.56 25.16 0.10
N LEU A 19 0.64 25.02 0.65
CA LEU A 19 0.88 24.08 1.75
C LEU A 19 0.29 24.52 3.08
N LEU A 20 0.57 25.76 3.48
CA LEU A 20 0.08 26.31 4.74
C LEU A 20 -1.39 26.05 5.06
N PRO A 21 -2.31 26.40 4.13
CA PRO A 21 -3.75 26.18 4.37
C PRO A 21 -4.07 24.73 4.71
N HIS A 22 -3.42 23.80 4.01
CA HIS A 22 -3.62 22.38 4.22
C HIS A 22 -3.07 21.90 5.55
N ALA A 23 -1.87 22.35 5.88
CA ALA A 23 -1.20 21.99 7.12
C ALA A 23 -2.05 22.46 8.30
N ILE A 24 -2.54 23.70 8.20
CA ILE A 24 -3.36 24.28 9.25
C ILE A 24 -4.64 23.48 9.44
N GLU A 25 -5.28 23.06 8.34
CA GLU A 25 -6.50 22.28 8.44
C GLU A 25 -6.24 20.90 9.05
N PHE A 26 -5.12 20.28 8.71
CA PHE A 26 -4.80 18.97 9.28
C PHE A 26 -4.62 19.10 10.78
N ILE A 27 -3.77 20.05 11.17
CA ILE A 27 -3.49 20.32 12.57
C ILE A 27 -4.79 20.55 13.34
N ASN A 28 -5.73 21.25 12.71
CA ASN A 28 -7.02 21.51 13.35
C ASN A 28 -7.76 20.20 13.54
N GLN A 29 -7.77 19.40 12.48
CA GLN A 29 -8.41 18.09 12.48
C GLN A 29 -7.75 17.20 13.52
N TYR A 30 -6.43 17.32 13.63
CA TYR A 30 -5.66 16.53 14.59
C TYR A 30 -6.06 16.89 16.01
N TYR A 31 -5.93 18.18 16.35
CA TYR A 31 -6.28 18.65 17.67
C TYR A 31 -7.77 18.64 17.93
N GLY A 32 -8.55 18.54 16.87
CA GLY A 32 -10.00 18.50 17.00
C GLY A 32 -10.43 17.19 17.65
N SER A 33 -9.61 16.15 17.53
CA SER A 33 -9.90 14.85 18.13
C SER A 33 -9.91 14.97 19.66
N PHE A 34 -9.55 16.16 20.15
CA PHE A 34 -9.54 16.49 21.56
C PHE A 34 -10.36 17.79 21.59
N LYS A 35 -11.68 17.69 21.53
CA LYS A 35 -12.56 18.87 21.50
C LYS A 35 -12.13 20.15 22.22
N GLU A 36 -12.20 20.19 23.55
CA GLU A 36 -11.75 21.38 24.28
C GLU A 36 -10.40 21.18 24.95
N ALA A 37 -9.75 20.05 24.66
CA ALA A 37 -8.46 19.71 25.24
C ALA A 37 -7.33 20.13 24.32
N LYS A 38 -6.24 20.60 24.90
CA LYS A 38 -5.05 21.00 24.16
C LYS A 38 -5.13 22.27 23.29
N ILE A 39 -5.79 23.32 23.78
CA ILE A 39 -5.90 24.56 23.00
C ILE A 39 -4.54 25.25 22.84
N GLU A 40 -3.80 25.33 23.94
CA GLU A 40 -2.47 25.96 23.92
C GLU A 40 -1.46 25.08 23.18
N GLU A 41 -1.72 23.78 23.17
CA GLU A 41 -0.86 22.82 22.48
C GLU A 41 -1.11 22.99 20.99
N HIS A 42 -2.38 23.16 20.63
CA HIS A 42 -2.80 23.34 19.24
C HIS A 42 -2.15 24.58 18.63
N LEU A 43 -2.20 25.69 19.35
CA LEU A 43 -1.61 26.94 18.87
C LEU A 43 -0.10 26.86 18.79
N ALA A 44 0.50 26.17 19.75
CA ALA A 44 1.95 26.01 19.76
C ALA A 44 2.41 25.22 18.54
N ARG A 45 1.63 24.21 18.17
CA ARG A 45 1.93 23.36 17.01
C ARG A 45 1.79 24.15 15.70
N LEU A 46 0.74 24.96 15.61
CA LEU A 46 0.49 25.79 14.42
C LEU A 46 1.65 26.75 14.17
N GLU A 47 2.10 27.40 15.24
CA GLU A 47 3.19 28.35 15.15
C GLU A 47 4.48 27.68 14.69
N ALA A 48 4.75 26.49 15.23
CA ALA A 48 5.96 25.73 14.88
C ALA A 48 5.91 25.24 13.44
N VAL A 49 4.77 24.68 13.05
CA VAL A 49 4.56 24.17 11.70
C VAL A 49 4.72 25.27 10.65
N THR A 50 4.14 26.43 10.94
CA THR A 50 4.22 27.58 10.04
C THR A 50 5.65 28.08 9.91
N LYS A 51 6.34 28.16 11.04
CA LYS A 51 7.72 28.59 11.09
C LYS A 51 8.56 27.61 10.26
N GLU A 52 8.23 26.33 10.40
CA GLU A 52 8.92 25.26 9.67
C GLU A 52 8.71 25.38 8.16
N ILE A 53 7.47 25.64 7.75
CA ILE A 53 7.14 25.77 6.34
C ILE A 53 7.79 27.02 5.74
N GLU A 54 7.88 28.09 6.53
CA GLU A 54 8.48 29.33 6.08
C GLU A 54 10.00 29.28 5.99
N THR A 55 10.62 28.53 6.89
CA THR A 55 12.08 28.43 6.90
C THR A 55 12.65 27.29 6.06
N THR A 56 11.95 26.16 6.00
CA THR A 56 12.44 25.02 5.23
C THR A 56 11.63 24.66 3.99
N GLY A 57 10.49 25.32 3.81
CA GLY A 57 9.66 25.03 2.64
C GLY A 57 8.67 23.89 2.83
N THR A 58 8.80 23.16 3.93
CA THR A 58 7.91 22.04 4.24
C THR A 58 7.87 21.86 5.75
N TYR A 59 7.32 20.73 6.21
CA TYR A 59 7.26 20.43 7.63
C TYR A 59 7.17 18.93 7.86
N GLN A 60 7.57 18.50 9.05
CA GLN A 60 7.54 17.10 9.41
C GLN A 60 6.38 16.82 10.35
N LEU A 61 5.66 15.74 10.12
CA LEU A 61 4.55 15.38 11.00
C LEU A 61 5.20 14.73 12.23
N THR A 62 4.47 14.70 13.35
CA THR A 62 4.99 14.02 14.53
C THR A 62 4.56 12.57 14.33
N LEU A 63 5.12 11.63 15.09
CA LEU A 63 4.76 10.23 14.94
C LEU A 63 3.26 10.09 15.19
N ASP A 64 2.74 10.81 16.18
CA ASP A 64 1.33 10.74 16.48
C ASP A 64 0.44 11.34 15.39
N GLU A 65 0.90 12.43 14.78
CA GLU A 65 0.15 13.05 13.69
C GLU A 65 0.11 12.07 12.52
N LEU A 66 1.24 11.42 12.25
CA LEU A 66 1.34 10.45 11.18
C LEU A 66 0.41 9.28 11.43
N ILE A 67 0.45 8.74 12.65
CA ILE A 67 -0.40 7.60 13.00
C ILE A 67 -1.87 7.97 12.80
N PHE A 68 -2.24 9.14 13.28
CA PHE A 68 -3.60 9.65 13.16
C PHE A 68 -4.01 9.79 11.70
N ALA A 69 -3.09 10.32 10.88
CA ALA A 69 -3.34 10.53 9.45
C ALA A 69 -3.56 9.22 8.69
N THR A 70 -2.73 8.22 8.99
CA THR A 70 -2.84 6.92 8.33
C THR A 70 -4.18 6.26 8.63
N LYS A 71 -4.68 6.47 9.84
CA LYS A 71 -5.96 5.89 10.26
C LYS A 71 -7.15 6.67 9.72
N MET A 72 -6.99 7.98 9.59
CA MET A 72 -8.05 8.84 9.06
C MET A 72 -8.19 8.58 7.56
N ALA A 73 -7.06 8.45 6.90
CA ALA A 73 -7.05 8.18 5.46
C ALA A 73 -7.69 6.82 5.20
N TRP A 74 -7.51 5.87 6.12
CA TRP A 74 -8.10 4.54 5.99
C TRP A 74 -9.60 4.70 6.16
N ARG A 75 -9.98 5.47 7.17
CA ARG A 75 -11.37 5.73 7.46
C ARG A 75 -12.05 6.43 6.29
N ASN A 76 -11.31 7.30 5.61
CA ASN A 76 -11.81 8.06 4.47
C ASN A 76 -11.82 7.27 3.16
N ALA A 77 -11.36 6.03 3.21
CA ALA A 77 -11.33 5.18 2.02
C ALA A 77 -12.75 4.70 1.69
N PRO A 78 -13.35 5.24 0.61
CA PRO A 78 -14.71 4.91 0.16
C PRO A 78 -15.05 3.41 0.03
N ARG A 79 -14.30 2.69 -0.80
CA ARG A 79 -14.54 1.26 -1.04
C ARG A 79 -13.99 0.27 -0.03
N CYS A 80 -13.19 0.72 0.93
CA CYS A 80 -12.63 -0.21 1.91
C CYS A 80 -13.64 -0.73 2.92
N ILE A 81 -13.89 -2.03 2.86
CA ILE A 81 -14.82 -2.69 3.78
C ILE A 81 -14.19 -2.82 5.17
N GLY A 82 -12.85 -2.72 5.22
CA GLY A 82 -12.16 -2.83 6.48
C GLY A 82 -12.06 -1.54 7.27
N ARG A 83 -12.46 -0.42 6.67
CA ARG A 83 -12.41 0.88 7.33
C ARG A 83 -13.32 1.01 8.55
N ILE A 84 -14.17 0.02 8.77
CA ILE A 84 -15.07 0.01 9.91
C ILE A 84 -14.26 -0.07 11.19
N GLN A 85 -13.12 -0.77 11.11
CA GLN A 85 -12.21 -0.92 12.25
C GLN A 85 -10.88 -0.22 11.97
N TRP A 86 -10.97 1.03 11.54
CA TRP A 86 -9.82 1.87 11.20
C TRP A 86 -8.76 2.09 12.29
N SER A 87 -9.09 1.77 13.54
CA SER A 87 -8.14 1.95 14.64
C SER A 87 -7.17 0.79 14.77
N ASN A 88 -7.56 -0.37 14.23
CA ASN A 88 -6.69 -1.55 14.27
C ASN A 88 -5.64 -1.43 13.18
N LEU A 89 -4.68 -0.53 13.37
CA LEU A 89 -3.64 -0.33 12.38
C LEU A 89 -2.28 -0.08 13.00
N GLN A 90 -1.32 -0.93 12.62
CA GLN A 90 0.05 -0.78 13.11
C GLN A 90 0.79 0.05 12.08
N VAL A 91 1.43 1.11 12.56
CA VAL A 91 2.19 2.02 11.70
C VAL A 91 3.70 1.83 11.88
N PHE A 92 4.41 1.77 10.76
CA PHE A 92 5.87 1.65 10.77
C PHE A 92 6.44 2.91 10.15
N ASP A 93 7.22 3.65 10.95
CA ASP A 93 7.80 4.90 10.52
C ASP A 93 9.13 4.67 9.81
N ALA A 94 9.12 4.76 8.48
CA ALA A 94 10.31 4.57 7.65
C ALA A 94 10.66 5.88 6.94
N ARG A 95 10.23 6.99 7.53
CA ARG A 95 10.45 8.31 6.95
C ARG A 95 11.90 8.78 6.83
N ASN A 96 12.82 8.05 7.45
CA ASN A 96 14.22 8.41 7.35
C ASN A 96 14.97 7.35 6.51
N CYS A 97 14.20 6.61 5.72
CA CYS A 97 14.77 5.59 4.83
C CYS A 97 15.48 6.37 3.72
N SER A 98 16.63 5.86 3.29
CA SER A 98 17.43 6.52 2.26
C SER A 98 17.67 5.71 0.99
N THR A 99 17.84 4.40 1.15
CA THR A 99 18.14 3.53 0.02
C THR A 99 17.09 2.45 -0.27
N ALA A 100 17.16 1.89 -1.47
CA ALA A 100 16.25 0.83 -1.88
C ALA A 100 16.55 -0.41 -1.04
N GLN A 101 17.79 -0.55 -0.58
CA GLN A 101 18.19 -1.66 0.27
C GLN A 101 17.50 -1.54 1.62
N GLU A 102 17.38 -0.30 2.11
CA GLU A 102 16.72 -0.04 3.38
C GLU A 102 15.21 -0.22 3.22
N MET A 103 14.67 0.20 2.07
CA MET A 103 13.26 0.05 1.79
C MET A 103 12.94 -1.45 1.85
N PHE A 104 13.82 -2.25 1.27
CA PHE A 104 13.67 -3.70 1.24
C PHE A 104 13.56 -4.29 2.64
N GLN A 105 14.41 -3.85 3.56
CA GLN A 105 14.38 -4.35 4.92
C GLN A 105 13.09 -3.95 5.64
N HIS A 106 12.61 -2.74 5.39
CA HIS A 106 11.39 -2.24 5.99
C HIS A 106 10.20 -3.05 5.51
N ILE A 107 10.20 -3.37 4.21
CA ILE A 107 9.14 -4.15 3.60
C ILE A 107 9.14 -5.58 4.15
N CYS A 108 10.34 -6.11 4.38
CA CYS A 108 10.49 -7.45 4.94
C CYS A 108 9.86 -7.49 6.33
N ARG A 109 10.14 -6.46 7.14
CA ARG A 109 9.58 -6.37 8.49
C ARG A 109 8.07 -6.26 8.44
N HIS A 110 7.58 -5.46 7.50
CA HIS A 110 6.15 -5.25 7.30
C HIS A 110 5.50 -6.59 6.98
N ILE A 111 6.04 -7.28 5.98
CA ILE A 111 5.51 -8.57 5.58
C ILE A 111 5.55 -9.56 6.74
N LEU A 112 6.63 -9.54 7.51
CA LEU A 112 6.78 -10.43 8.66
C LEU A 112 5.72 -10.14 9.72
N TYR A 113 5.63 -8.89 10.14
CA TYR A 113 4.66 -8.46 11.14
C TYR A 113 3.24 -8.75 10.70
N ALA A 114 2.89 -8.24 9.52
CA ALA A 114 1.55 -8.38 8.94
C ALA A 114 1.08 -9.82 8.77
N THR A 115 1.96 -10.69 8.26
CA THR A 115 1.61 -12.09 8.04
C THR A 115 1.36 -12.80 9.38
N ASN A 116 2.23 -12.55 10.34
CA ASN A 116 2.11 -13.11 11.68
C ASN A 116 1.71 -14.59 11.67
N ASN A 117 2.44 -15.37 10.89
CA ASN A 117 2.21 -16.82 10.76
C ASN A 117 0.76 -17.17 10.41
N GLY A 118 0.03 -16.25 9.79
CA GLY A 118 -1.35 -16.51 9.43
C GLY A 118 -2.35 -15.63 10.13
N ASN A 119 -2.03 -15.23 11.37
CA ASN A 119 -2.91 -14.36 12.15
C ASN A 119 -2.64 -12.94 11.68
N ILE A 120 -3.13 -12.63 10.47
CA ILE A 120 -2.94 -11.35 9.81
C ILE A 120 -3.19 -10.10 10.65
N ARG A 121 -2.25 -9.17 10.56
CA ARG A 121 -2.34 -7.89 11.27
C ARG A 121 -2.20 -6.77 10.26
N SER A 122 -3.13 -5.81 10.31
CA SER A 122 -3.10 -4.66 9.40
C SER A 122 -1.97 -3.70 9.74
N ALA A 123 -1.20 -3.32 8.73
CA ALA A 123 -0.08 -2.43 8.94
C ALA A 123 0.19 -1.54 7.73
N ILE A 124 0.91 -0.46 7.98
CA ILE A 124 1.29 0.46 6.93
C ILE A 124 2.70 0.96 7.23
N THR A 125 3.55 0.94 6.21
CA THR A 125 4.91 1.40 6.36
C THR A 125 4.98 2.69 5.57
N VAL A 126 5.30 3.78 6.26
CA VAL A 126 5.36 5.09 5.63
C VAL A 126 6.80 5.51 5.36
N PHE A 127 7.14 5.62 4.08
CA PHE A 127 8.48 6.03 3.66
C PHE A 127 8.53 7.57 3.59
N PRO A 128 9.71 8.14 3.28
CA PRO A 128 9.83 9.60 3.21
C PRO A 128 8.79 10.28 2.34
N GLN A 129 8.38 11.48 2.77
CA GLN A 129 7.42 12.28 2.04
C GLN A 129 8.07 12.91 0.83
N ARG A 130 7.25 13.23 -0.16
CA ARG A 130 7.74 13.86 -1.39
C ARG A 130 8.31 15.23 -1.05
N SER A 131 9.52 15.48 -1.54
CA SER A 131 10.19 16.75 -1.34
C SER A 131 9.97 17.62 -2.57
N ASP A 132 10.85 17.52 -3.56
CA ASP A 132 10.70 18.28 -4.78
C ASP A 132 10.00 17.51 -5.88
N GLY A 133 9.70 16.23 -5.62
CA GLY A 133 9.05 15.42 -6.62
C GLY A 133 10.03 14.71 -7.53
N LYS A 134 11.31 15.03 -7.37
CA LYS A 134 12.37 14.44 -8.17
C LYS A 134 13.14 13.42 -7.35
N HIS A 135 12.77 13.28 -6.08
CA HIS A 135 13.43 12.34 -5.19
C HIS A 135 12.40 11.43 -4.52
N ASP A 136 11.37 11.06 -5.29
CA ASP A 136 10.29 10.20 -4.80
C ASP A 136 10.70 8.79 -4.46
N PHE A 137 10.05 8.25 -3.43
CA PHE A 137 10.25 6.87 -3.02
C PHE A 137 9.00 6.21 -3.59
N ARG A 138 9.15 5.09 -4.28
CA ARG A 138 8.01 4.40 -4.87
C ARG A 138 8.23 2.90 -4.93
N LEU A 139 7.15 2.15 -4.75
CA LEU A 139 7.20 0.70 -4.89
C LEU A 139 6.50 0.52 -6.23
N TRP A 140 7.21 0.00 -7.22
CA TRP A 140 6.63 -0.17 -8.55
C TRP A 140 5.61 -1.30 -8.65
N ASN A 141 5.56 -2.13 -7.61
CA ASN A 141 4.60 -3.24 -7.57
C ASN A 141 3.22 -2.66 -7.24
N SER A 142 2.18 -3.42 -7.57
CA SER A 142 0.82 -2.98 -7.25
C SER A 142 0.51 -3.51 -5.86
N GLN A 143 1.09 -4.67 -5.55
CA GLN A 143 0.96 -5.32 -4.24
C GLN A 143 2.34 -5.84 -3.85
N LEU A 144 2.61 -5.91 -2.55
CA LEU A 144 3.90 -6.40 -2.06
C LEU A 144 4.15 -7.81 -2.55
N ILE A 145 3.11 -8.63 -2.44
CA ILE A 145 3.16 -10.02 -2.87
C ILE A 145 2.12 -10.23 -3.97
N ARG A 146 2.60 -10.59 -5.15
CA ARG A 146 1.72 -10.82 -6.29
C ARG A 146 2.37 -11.79 -7.27
N TYR A 147 1.54 -12.54 -7.98
CA TYR A 147 2.05 -13.52 -8.95
C TYR A 147 2.31 -12.90 -10.31
N ALA A 148 3.37 -13.38 -10.95
CA ALA A 148 3.76 -12.91 -12.27
C ALA A 148 2.73 -13.33 -13.32
N GLY A 149 2.55 -12.48 -14.33
CA GLY A 149 1.62 -12.77 -15.39
C GLY A 149 2.41 -12.92 -16.68
N TYR A 150 2.30 -14.10 -17.30
CA TYR A 150 3.04 -14.37 -18.53
C TYR A 150 2.16 -14.52 -19.78
N GLN A 151 2.59 -13.88 -20.85
CA GLN A 151 1.89 -13.92 -22.15
C GLN A 151 2.19 -15.24 -22.85
N MET A 152 1.17 -15.81 -23.50
CA MET A 152 1.32 -17.07 -24.22
C MET A 152 1.21 -16.87 -25.74
N PRO A 153 1.59 -17.89 -26.54
CA PRO A 153 1.54 -17.79 -28.01
C PRO A 153 0.16 -17.54 -28.62
N ASP A 154 -0.88 -18.10 -28.01
CA ASP A 154 -2.25 -17.97 -28.49
C ASP A 154 -3.02 -16.78 -27.91
N GLY A 155 -2.37 -16.04 -27.02
CA GLY A 155 -3.01 -14.90 -26.41
C GLY A 155 -3.59 -15.20 -25.04
N THR A 156 -3.23 -16.36 -24.49
CA THR A 156 -3.72 -16.74 -23.17
C THR A 156 -2.86 -16.24 -22.02
N ILE A 157 -3.21 -16.70 -20.83
CA ILE A 157 -2.54 -16.30 -19.60
C ILE A 157 -1.95 -17.42 -18.76
N ARG A 158 -0.75 -17.18 -18.23
CA ARG A 158 -0.12 -18.12 -17.32
C ARG A 158 0.27 -17.24 -16.15
N GLY A 159 -0.47 -17.37 -15.05
CA GLY A 159 -0.22 -16.57 -13.88
C GLY A 159 -1.32 -15.53 -13.69
N ASP A 160 -0.95 -14.38 -13.13
CA ASP A 160 -1.89 -13.29 -12.87
C ASP A 160 -1.97 -12.35 -14.08
N ALA A 161 -3.13 -12.33 -14.74
CA ALA A 161 -3.35 -11.49 -15.91
C ALA A 161 -3.12 -10.01 -15.66
N ALA A 162 -3.46 -9.54 -14.46
CA ALA A 162 -3.30 -8.15 -14.09
C ALA A 162 -1.87 -7.65 -13.96
N THR A 163 -0.89 -8.55 -13.96
CA THR A 163 0.50 -8.14 -13.83
C THR A 163 1.32 -8.32 -15.11
N LEU A 164 0.64 -8.38 -16.25
CA LEU A 164 1.32 -8.54 -17.55
C LEU A 164 2.40 -7.50 -17.80
N GLU A 165 2.04 -6.23 -17.74
CA GLU A 165 2.99 -5.14 -17.95
C GLU A 165 4.11 -5.14 -16.92
N PHE A 166 3.72 -5.19 -15.65
CA PHE A 166 4.69 -5.19 -14.56
C PHE A 166 5.66 -6.37 -14.65
N THR A 167 5.15 -7.56 -14.94
CA THR A 167 5.99 -8.75 -15.06
C THR A 167 7.02 -8.51 -16.16
N GLN A 168 6.55 -8.02 -17.31
CA GLN A 168 7.42 -7.73 -18.43
C GLN A 168 8.50 -6.74 -18.00
N LEU A 169 8.09 -5.73 -17.24
CA LEU A 169 9.00 -4.71 -16.74
C LEU A 169 10.10 -5.37 -15.92
N CYS A 170 9.73 -6.33 -15.07
CA CYS A 170 10.68 -7.04 -14.23
C CYS A 170 11.70 -7.76 -15.10
N ILE A 171 11.21 -8.50 -16.10
CA ILE A 171 12.08 -9.23 -17.02
C ILE A 171 13.02 -8.24 -17.69
N ASP A 172 12.49 -7.08 -18.05
CA ASP A 172 13.27 -6.02 -18.70
C ASP A 172 14.30 -5.38 -17.77
N LEU A 173 14.12 -5.58 -16.47
CA LEU A 173 15.05 -5.04 -15.49
C LEU A 173 16.06 -6.09 -15.04
N GLY A 174 16.08 -7.21 -15.75
CA GLY A 174 17.01 -8.28 -15.43
C GLY A 174 16.41 -9.52 -14.81
N TRP A 175 15.37 -9.35 -13.99
CA TRP A 175 14.72 -10.45 -13.31
C TRP A 175 14.53 -11.67 -14.22
N LYS A 176 14.98 -12.83 -13.73
CA LYS A 176 14.88 -14.09 -14.49
C LYS A 176 13.51 -14.71 -14.27
N PRO A 177 12.69 -14.74 -15.33
CA PRO A 177 11.33 -15.30 -15.31
C PRO A 177 11.20 -16.82 -15.42
N ARG A 178 10.68 -17.41 -14.35
CA ARG A 178 10.39 -18.85 -14.37
C ARG A 178 8.99 -18.75 -14.97
N TYR A 179 8.50 -19.75 -15.69
CA TYR A 179 7.17 -19.60 -16.28
C TYR A 179 6.02 -20.36 -15.65
N GLY A 180 5.95 -20.31 -14.31
CA GLY A 180 4.88 -20.99 -13.60
C GLY A 180 3.65 -20.13 -13.40
N ARG A 181 2.66 -20.71 -12.72
CA ARG A 181 1.39 -20.04 -12.45
C ARG A 181 1.43 -19.23 -11.15
N PHE A 182 2.29 -19.63 -10.23
CA PHE A 182 2.37 -18.96 -8.93
C PHE A 182 3.77 -18.43 -8.61
N ASP A 183 4.34 -17.66 -9.53
CA ASP A 183 5.65 -17.08 -9.34
C ASP A 183 5.53 -15.72 -8.67
N VAL A 184 6.07 -15.61 -7.46
CA VAL A 184 6.02 -14.37 -6.72
C VAL A 184 6.96 -13.35 -7.37
N LEU A 185 6.38 -12.24 -7.82
CA LEU A 185 7.14 -11.17 -8.45
C LEU A 185 8.11 -10.57 -7.45
N PRO A 186 9.23 -10.02 -7.94
CA PRO A 186 10.18 -9.42 -7.01
C PRO A 186 9.69 -8.03 -6.66
N LEU A 187 10.41 -7.34 -5.79
CA LEU A 187 10.03 -5.99 -5.41
C LEU A 187 10.82 -5.03 -6.28
N VAL A 188 10.14 -4.07 -6.91
CA VAL A 188 10.82 -3.10 -7.74
C VAL A 188 10.73 -1.81 -6.94
N LEU A 189 11.81 -1.52 -6.22
CA LEU A 189 11.90 -0.36 -5.34
C LEU A 189 12.69 0.82 -5.83
N GLN A 190 12.06 1.99 -5.74
CA GLN A 190 12.68 3.25 -6.14
C GLN A 190 12.92 4.04 -4.85
N ALA A 191 14.16 4.45 -4.66
CA ALA A 191 14.52 5.21 -3.47
C ALA A 191 15.14 6.54 -3.87
N ASP A 192 14.67 7.61 -3.24
CA ASP A 192 15.19 8.95 -3.49
C ASP A 192 15.10 9.37 -4.96
N GLY A 193 14.13 8.84 -5.68
CA GLY A 193 13.92 9.18 -7.07
C GLY A 193 14.86 8.49 -8.06
N GLN A 194 15.73 7.63 -7.54
CA GLN A 194 16.67 6.92 -8.40
C GLN A 194 16.00 5.83 -9.22
N ASP A 195 16.77 5.20 -10.11
CA ASP A 195 16.25 4.11 -10.91
C ASP A 195 15.86 3.01 -9.94
N PRO A 196 14.84 2.22 -10.27
CA PRO A 196 14.39 1.14 -9.40
C PRO A 196 15.37 -0.04 -9.35
N GLU A 197 15.42 -0.70 -8.20
CA GLU A 197 16.28 -1.86 -8.00
C GLU A 197 15.36 -3.05 -7.74
N VAL A 198 15.75 -4.21 -8.26
CA VAL A 198 14.96 -5.43 -8.11
C VAL A 198 15.42 -6.29 -6.92
N PHE A 199 14.46 -6.70 -6.09
CA PHE A 199 14.75 -7.53 -4.91
C PHE A 199 13.82 -8.71 -4.80
N GLU A 200 14.38 -9.92 -4.78
CA GLU A 200 13.58 -11.12 -4.62
C GLU A 200 13.07 -11.14 -3.18
N ILE A 201 11.81 -11.49 -2.99
CA ILE A 201 11.26 -11.56 -1.65
C ILE A 201 11.58 -12.95 -1.09
N PRO A 202 12.27 -13.01 0.08
CA PRO A 202 12.62 -14.29 0.69
C PRO A 202 11.40 -15.22 0.72
N PRO A 203 11.47 -16.35 0.01
CA PRO A 203 10.37 -17.33 -0.05
C PRO A 203 9.75 -17.60 1.31
N ASP A 204 10.59 -17.57 2.35
CA ASP A 204 10.15 -17.79 3.72
C ASP A 204 9.07 -16.81 4.15
N LEU A 205 9.19 -15.56 3.70
CA LEU A 205 8.25 -14.51 4.06
C LEU A 205 6.89 -14.59 3.36
N VAL A 206 6.76 -15.47 2.38
CA VAL A 206 5.50 -15.59 1.65
C VAL A 206 4.62 -16.73 2.14
N LEU A 207 3.57 -16.38 2.86
CA LEU A 207 2.64 -17.39 3.35
C LEU A 207 1.61 -17.64 2.27
N GLU A 208 1.43 -18.90 1.91
CA GLU A 208 0.47 -19.26 0.89
C GLU A 208 -0.55 -20.28 1.38
N VAL A 209 -1.77 -20.14 0.87
CA VAL A 209 -2.87 -21.02 1.23
C VAL A 209 -3.14 -21.94 0.04
N THR A 210 -3.11 -23.24 0.31
CA THR A 210 -3.35 -24.26 -0.72
C THR A 210 -4.84 -24.48 -0.96
N MET A 211 -5.30 -24.13 -2.16
CA MET A 211 -6.71 -24.27 -2.53
C MET A 211 -7.16 -25.71 -2.81
N GLU A 221 -5.03 -33.37 -8.73
CA GLU A 221 -4.96 -31.93 -8.86
C GLU A 221 -6.31 -31.24 -9.07
N LEU A 222 -6.33 -30.01 -8.60
CA LEU A 222 -7.42 -29.04 -8.74
C LEU A 222 -6.45 -27.98 -9.24
N GLY A 223 -5.33 -27.90 -8.51
CA GLY A 223 -4.20 -27.03 -8.84
C GLY A 223 -4.06 -25.59 -8.43
N LEU A 224 -4.50 -25.18 -7.25
CA LEU A 224 -4.37 -23.77 -6.90
C LEU A 224 -3.81 -23.41 -5.52
N LYS A 225 -3.14 -22.26 -5.48
CA LYS A 225 -2.54 -21.69 -4.27
C LYS A 225 -2.85 -20.20 -4.35
N TRP A 226 -2.53 -19.50 -3.26
CA TRP A 226 -2.71 -18.06 -3.20
C TRP A 226 -2.12 -17.53 -1.91
N TYR A 227 -1.41 -16.41 -2.03
CA TYR A 227 -0.78 -15.77 -0.88
C TYR A 227 -1.80 -15.27 0.13
N ALA A 228 -1.41 -15.33 1.40
CA ALA A 228 -2.27 -14.92 2.51
C ALA A 228 -2.35 -13.42 2.71
N LEU A 229 -1.32 -12.69 2.29
CA LEU A 229 -1.27 -11.26 2.49
C LEU A 229 -1.59 -10.30 1.35
N PRO A 230 -2.73 -9.60 1.42
CA PRO A 230 -3.13 -8.64 0.38
C PRO A 230 -2.60 -7.27 0.83
N ALA A 231 -1.47 -6.85 0.25
CA ALA A 231 -0.87 -5.58 0.61
C ALA A 231 -0.73 -4.62 -0.57
N VAL A 232 -1.49 -3.53 -0.55
CA VAL A 232 -1.44 -2.53 -1.61
C VAL A 232 -0.14 -1.75 -1.45
N ALA A 233 0.66 -1.72 -2.51
CA ALA A 233 1.95 -1.06 -2.46
C ALA A 233 2.13 0.20 -3.28
N ASN A 234 1.16 0.52 -4.14
CA ASN A 234 1.29 1.68 -5.02
C ASN A 234 0.53 2.97 -4.76
N MET A 235 -0.11 3.10 -3.61
CA MET A 235 -0.85 4.32 -3.32
C MET A 235 -0.03 5.43 -2.65
N LEU A 236 -0.60 6.62 -2.63
CA LEU A 236 0.04 7.78 -2.04
C LEU A 236 -0.82 8.30 -0.90
N LEU A 237 -0.20 8.59 0.23
CA LEU A 237 -0.93 9.12 1.38
C LEU A 237 -0.81 10.64 1.34
N GLU A 238 -1.96 11.31 1.34
CA GLU A 238 -1.97 12.75 1.35
C GLU A 238 -2.46 13.15 2.73
N VAL A 239 -1.70 14.04 3.36
CA VAL A 239 -2.03 14.52 4.70
C VAL A 239 -1.48 15.92 4.91
N GLY A 240 -2.37 16.87 5.18
CA GLY A 240 -1.96 18.25 5.41
C GLY A 240 -1.07 18.86 4.34
N GLY A 241 -1.35 18.53 3.08
CA GLY A 241 -0.54 19.06 1.99
C GLY A 241 0.68 18.22 1.70
N LEU A 242 1.07 17.37 2.65
CA LEU A 242 2.21 16.50 2.48
C LEU A 242 1.78 15.30 1.64
N GLU A 243 2.73 14.70 0.92
CA GLU A 243 2.44 13.56 0.07
C GLU A 243 3.47 12.46 0.27
N PHE A 244 2.98 11.25 0.54
CA PHE A 244 3.85 10.10 0.74
C PHE A 244 3.56 9.12 -0.40
N PRO A 245 4.36 9.17 -1.49
CA PRO A 245 4.23 8.32 -2.66
C PRO A 245 4.54 6.85 -2.37
N ALA A 246 5.18 6.61 -1.22
CA ALA A 246 5.55 5.27 -0.80
C ALA A 246 4.98 5.00 0.59
N CYS A 247 3.93 4.19 0.64
CA CYS A 247 3.28 3.85 1.91
C CYS A 247 2.47 2.56 1.80
N PRO A 248 3.16 1.42 1.58
CA PRO A 248 2.45 0.14 1.47
C PRO A 248 1.66 -0.21 2.72
N PHE A 249 0.45 -0.71 2.52
CA PHE A 249 -0.42 -1.10 3.62
C PHE A 249 -1.05 -2.43 3.31
N ASN A 250 -1.68 -3.03 4.32
CA ASN A 250 -2.32 -4.31 4.11
C ASN A 250 -3.44 -4.52 5.09
N GLY A 251 -4.27 -5.49 4.75
CA GLY A 251 -5.38 -5.89 5.59
C GLY A 251 -5.38 -7.38 5.39
N TRP A 252 -6.55 -7.99 5.33
CA TRP A 252 -6.67 -9.42 5.08
C TRP A 252 -7.74 -9.60 4.02
N TYR A 253 -7.72 -10.74 3.35
CA TYR A 253 -8.68 -11.01 2.30
C TYR A 253 -10.13 -11.10 2.74
N MET A 254 -11.01 -10.92 1.76
CA MET A 254 -12.45 -11.00 1.96
C MET A 254 -12.84 -12.43 1.58
N GLY A 255 -12.07 -12.99 0.65
CA GLY A 255 -12.32 -14.33 0.16
C GLY A 255 -13.15 -14.25 -1.12
N THR A 256 -14.02 -13.25 -1.15
CA THR A 256 -14.88 -12.86 -2.26
C THR A 256 -14.11 -12.45 -3.51
N GLU A 257 -12.79 -12.36 -3.41
CA GLU A 257 -12.05 -11.81 -4.54
C GLU A 257 -10.75 -12.43 -5.02
N ILE A 258 -10.12 -13.26 -4.22
CA ILE A 258 -8.83 -13.89 -4.58
C ILE A 258 -8.82 -14.12 -6.09
N GLY A 259 -8.25 -13.12 -6.77
CA GLY A 259 -8.18 -13.09 -8.23
C GLY A 259 -7.53 -14.26 -8.95
N VAL A 260 -8.14 -15.44 -8.87
CA VAL A 260 -7.57 -16.59 -9.58
C VAL A 260 -8.09 -16.46 -11.01
N ARG A 261 -7.71 -15.35 -11.62
CA ARG A 261 -8.05 -15.05 -13.01
C ARG A 261 -6.96 -15.72 -13.83
N ASP A 262 -6.43 -16.79 -13.24
CA ASP A 262 -5.42 -17.65 -13.84
C ASP A 262 -6.44 -18.65 -14.36
N PHE A 263 -7.16 -18.32 -15.44
CA PHE A 263 -8.18 -19.26 -15.84
C PHE A 263 -8.60 -19.70 -17.23
N CYS A 264 -9.38 -20.76 -17.12
CA CYS A 264 -10.08 -21.56 -18.13
C CYS A 264 -10.84 -22.44 -17.11
N ASP A 265 -10.94 -21.90 -15.89
CA ASP A 265 -11.56 -22.52 -14.73
C ASP A 265 -13.06 -22.75 -14.78
N THR A 266 -13.60 -22.94 -15.98
CA THR A 266 -15.03 -23.23 -16.14
C THR A 266 -15.19 -24.65 -15.57
N GLN A 267 -14.04 -25.30 -15.35
CA GLN A 267 -13.92 -26.63 -14.79
C GLN A 267 -14.68 -26.76 -13.47
N ASP A 292 -29.94 -23.66 -11.61
CA ASP A 292 -29.29 -22.36 -11.51
C ASP A 292 -29.45 -21.58 -12.81
N ARG A 293 -28.77 -20.44 -12.88
CA ARG A 293 -28.80 -19.59 -14.08
C ARG A 293 -27.56 -19.95 -14.90
N ALA A 294 -26.45 -19.24 -14.68
CA ALA A 294 -25.22 -19.49 -15.41
C ALA A 294 -23.95 -19.02 -14.67
N VAL A 295 -23.88 -17.71 -14.38
CA VAL A 295 -22.75 -17.13 -13.67
C VAL A 295 -22.83 -17.57 -12.20
N THR A 296 -22.44 -18.81 -11.95
CA THR A 296 -22.51 -19.40 -10.61
C THR A 296 -21.14 -19.81 -10.04
N GLU A 297 -20.08 -19.16 -10.50
CA GLU A 297 -18.75 -19.48 -9.98
C GLU A 297 -18.53 -18.83 -8.62
N ILE A 298 -18.79 -19.63 -7.58
CA ILE A 298 -18.67 -19.27 -6.17
C ILE A 298 -17.24 -19.07 -5.67
N ASN A 299 -17.12 -18.84 -4.36
CA ASN A 299 -15.82 -18.62 -3.71
C ASN A 299 -15.74 -19.41 -2.40
N VAL A 300 -16.33 -20.61 -2.40
CA VAL A 300 -16.36 -21.49 -1.23
C VAL A 300 -15.03 -22.10 -0.81
N ALA A 301 -14.41 -22.89 -1.68
CA ALA A 301 -13.15 -23.55 -1.37
C ALA A 301 -12.12 -22.63 -0.73
N VAL A 302 -12.19 -21.35 -1.09
CA VAL A 302 -11.29 -20.35 -0.56
C VAL A 302 -11.55 -20.10 0.93
N LEU A 303 -12.81 -19.81 1.26
CA LEU A 303 -13.25 -19.57 2.63
C LEU A 303 -12.78 -20.71 3.53
N HIS A 304 -13.09 -21.92 3.10
CA HIS A 304 -12.74 -23.14 3.81
C HIS A 304 -11.23 -23.37 3.87
N SER A 305 -10.57 -23.24 2.72
CA SER A 305 -9.12 -23.45 2.65
C SER A 305 -8.34 -22.53 3.58
N PHE A 306 -8.69 -21.24 3.58
CA PHE A 306 -8.03 -20.25 4.43
C PHE A 306 -8.24 -20.53 5.92
N GLN A 307 -9.47 -20.89 6.27
CA GLN A 307 -9.86 -21.17 7.65
C GLN A 307 -9.18 -22.38 8.28
N LYS A 308 -9.02 -23.44 7.50
CA LYS A 308 -8.40 -24.67 7.98
C LYS A 308 -6.88 -24.57 8.08
N GLN A 309 -6.31 -23.60 7.36
CA GLN A 309 -4.88 -23.35 7.39
C GLN A 309 -4.57 -22.19 8.34
N ASN A 310 -5.63 -21.74 9.02
CA ASN A 310 -5.57 -20.66 9.99
C ASN A 310 -5.00 -19.33 9.52
N VAL A 311 -5.48 -18.89 8.37
CA VAL A 311 -5.08 -17.62 7.80
C VAL A 311 -6.31 -16.74 7.84
N THR A 312 -6.16 -15.57 8.44
CA THR A 312 -7.25 -14.62 8.58
C THR A 312 -7.89 -14.20 7.27
N ILE A 313 -9.22 -14.28 7.27
CA ILE A 313 -10.03 -13.90 6.12
C ILE A 313 -11.25 -13.22 6.76
N MET A 314 -11.85 -12.25 6.06
CA MET A 314 -12.98 -11.54 6.62
C MET A 314 -14.30 -12.33 6.65
N ASP A 315 -14.34 -13.39 7.46
CA ASP A 315 -15.57 -14.17 7.60
C ASP A 315 -16.40 -13.48 8.68
N HIS A 316 -17.52 -14.07 9.09
CA HIS A 316 -18.33 -13.42 10.11
C HIS A 316 -17.70 -13.29 11.48
N HIS A 317 -16.97 -14.31 11.90
CA HIS A 317 -16.29 -14.28 13.20
C HIS A 317 -15.24 -13.16 13.22
N THR A 318 -14.44 -13.08 12.15
CA THR A 318 -13.40 -12.07 12.04
C THR A 318 -13.97 -10.66 11.98
N ALA A 319 -15.02 -10.47 11.17
CA ALA A 319 -15.67 -9.17 11.04
C ALA A 319 -16.12 -8.68 12.41
N SER A 320 -16.77 -9.57 13.14
CA SER A 320 -17.28 -9.30 14.47
C SER A 320 -16.13 -9.04 15.46
N GLU A 321 -15.16 -9.94 15.45
CA GLU A 321 -14.01 -9.84 16.35
C GLU A 321 -13.16 -8.58 16.11
N SER A 322 -12.87 -8.30 14.85
CA SER A 322 -12.08 -7.12 14.51
C SER A 322 -12.83 -5.84 14.89
N PHE A 323 -14.15 -5.87 14.78
CA PHE A 323 -14.97 -4.71 15.13
C PHE A 323 -14.94 -4.52 16.64
N MET A 324 -14.96 -5.63 17.38
CA MET A 324 -14.91 -5.59 18.83
C MET A 324 -13.60 -4.93 19.29
N LYS A 325 -12.51 -5.32 18.66
CA LYS A 325 -11.19 -4.77 18.98
C LYS A 325 -11.12 -3.28 18.70
N HIS A 326 -11.79 -2.87 17.64
CA HIS A 326 -11.85 -1.47 17.24
C HIS A 326 -12.59 -0.66 18.32
N MET A 327 -13.74 -1.16 18.75
CA MET A 327 -14.56 -0.50 19.77
C MET A 327 -13.86 -0.38 21.12
N GLN A 328 -12.99 -1.34 21.43
CA GLN A 328 -12.25 -1.34 22.69
C GLN A 328 -11.18 -0.26 22.74
N ASN A 329 -10.73 0.20 21.56
CA ASN A 329 -9.72 1.25 21.49
C ASN A 329 -10.32 2.61 21.84
N GLU A 330 -11.65 2.67 21.80
CA GLU A 330 -12.40 3.89 22.11
C GLU A 330 -12.89 3.84 23.55
N VAL A 364 -13.29 17.76 -1.08
CA VAL A 364 -11.96 17.35 -0.63
C VAL A 364 -11.98 16.57 0.69
N LEU A 365 -11.44 15.36 0.65
CA LEU A 365 -11.33 14.50 1.81
C LEU A 365 -9.84 14.40 2.12
N SER A 366 -9.46 14.72 3.35
CA SER A 366 -8.06 14.68 3.77
C SER A 366 -7.97 14.32 5.25
N PRO A 367 -7.04 13.41 5.61
CA PRO A 367 -6.07 12.68 4.80
C PRO A 367 -6.76 11.71 3.84
N PHE A 368 -6.03 11.22 2.85
CA PHE A 368 -6.62 10.33 1.86
C PHE A 368 -5.55 9.52 1.12
N TYR A 369 -5.92 8.32 0.70
CA TYR A 369 -5.01 7.46 -0.07
C TYR A 369 -5.38 7.62 -1.54
N TYR A 370 -4.45 8.15 -2.32
CA TYR A 370 -4.68 8.37 -3.75
C TYR A 370 -4.00 7.33 -4.61
N TYR A 371 -4.50 7.17 -5.82
CA TYR A 371 -3.90 6.26 -6.77
C TYR A 371 -2.84 7.10 -7.47
N GLN A 372 -1.90 6.45 -8.15
CA GLN A 372 -0.84 7.18 -8.84
C GLN A 372 -0.67 6.67 -10.26
N ILE A 373 0.07 7.43 -11.07
CA ILE A 373 0.34 7.01 -12.44
C ILE A 373 1.48 6.01 -12.31
N GLU A 374 1.29 4.83 -12.93
CA GLU A 374 2.31 3.79 -12.89
C GLU A 374 3.67 4.40 -13.18
N PRO A 375 4.60 4.28 -12.22
CA PRO A 375 5.98 4.81 -12.26
C PRO A 375 6.81 4.56 -13.50
N TRP A 376 6.63 3.43 -14.16
CA TRP A 376 7.42 3.16 -15.37
C TRP A 376 6.96 4.01 -16.56
N LYS A 377 5.78 4.60 -16.45
CA LYS A 377 5.24 5.45 -17.50
C LYS A 377 5.68 6.90 -17.32
N THR A 378 6.26 7.22 -16.17
CA THR A 378 6.68 8.58 -15.85
C THR A 378 8.15 8.75 -15.49
N HIS A 379 8.81 7.66 -15.15
CA HIS A 379 10.22 7.67 -14.74
C HIS A 379 11.24 8.11 -15.78
N ILE A 380 12.07 9.08 -15.38
CA ILE A 380 13.15 9.60 -16.23
C ILE A 380 14.40 8.81 -15.86
N TRP A 381 14.66 7.73 -16.60
CA TRP A 381 15.80 6.86 -16.35
C TRP A 381 17.15 7.57 -16.26
N GLN A 382 18.04 7.01 -15.44
CA GLN A 382 19.37 7.54 -15.27
C GLN A 382 20.31 6.82 -16.22
N ASN A 383 20.44 5.50 -16.03
CA ASN A 383 21.31 4.68 -16.86
C ASN A 383 21.13 3.19 -16.55
N GLU A 384 21.03 2.87 -15.26
CA GLU A 384 20.88 1.50 -14.75
C GLU A 384 19.79 0.63 -15.39
N HIS A 385 20.04 -0.67 -15.43
CA HIS A 385 19.13 -1.69 -15.97
C HIS A 385 18.64 -1.42 -17.40
N HIS A 386 19.28 -2.06 -18.38
CA HIS A 386 18.92 -1.86 -19.78
C HIS A 386 17.67 -2.59 -20.30
N HIS A 387 17.06 -1.98 -21.31
CA HIS A 387 15.83 -2.45 -21.95
C HIS A 387 14.69 -2.11 -20.98
N HIS A 388 14.94 -1.04 -20.21
CA HIS A 388 14.04 -0.50 -19.20
C HIS A 388 12.59 -0.35 -19.69
#